data_6WJC
#
_entry.id   6WJC
#
_cell.length_a   122.148
_cell.length_b   150.429
_cell.length_c   76.927
_cell.angle_alpha   90.000
_cell.angle_beta   98.770
_cell.angle_gamma   90.000
#
_symmetry.space_group_name_H-M   'C 1 2 1'
#
loop_
_entity.id
_entity.type
_entity.pdbx_description
1 polymer 'Muscarinic acetylcholine receptor M1,Endolysin fusion'
2 polymer 'Muscarinic toxin 7'
3 non-polymer ACETAMIDE
4 non-polymer 'CHOLESTEROL HEMISUCCINATE'
5 non-polymer '(1R,5S)-8-METHYL-8-AZABICYCLO[3.2.1]OCT-3-YL (2R)-3-HYDROXY-2-PHENYLPROPANOATE'
6 water water
#
loop_
_entity_poly.entity_id
_entity_poly.type
_entity_poly.pdbx_seq_one_letter_code
_entity_poly.pdbx_strand_id
1 'polypeptide(L)'
;DYKDDDDAAAQTSAPPAVSPQITVLAPGKGPWQVAFIGITTGLLSLATVTGNLLVLISFKVNTELKTVNNYFLLSLACAD
LIIGTFSMNLYTTYLLMGHWALGTLACDLWLALDYVASQARVMNLLLISFDRYFSVTRPLSYRAKRTPRRAALMIGLAWL
VSFVLWAPAILFWQYLVGERTVLAGQCYIQFLSQPIITFGTAMAAFYLPVTVMCTLYWRIYRETENRNIFEMLRIDEGLR
LKIYKDTEGYYTIGIGHLLTKSPSLNAAKSELDKAIGRNTNGVITKDEAEKLFNQDVDAAVRGILRNAKLKPVYDSLDAV
RRAALINMVFQMGETGVAGFTNSLRMLQQKRWDEAAVNLAKSRWYNQTPNRAKRVITTFRTGTWDAYFSLVKEKKAARTL
SAILLAFILTWTPYNIMVLVSTFCKDCVPETLWELGYWLCYVNSTINPMCYALCNKAFRDTFRLLLLCRWDKRRWRKIPK
RPGSVHRTPSRQCHHHHHH
;
A
2 'polypeptide(L)' GPGSLTCVKSNSIWFPTSEDCPDGQNLCFKRWQYISPRMYDFTRGCAATCPKAEYRDVINCCGTDKCNK C
#
# COMPACT_ATOMS: atom_id res chain seq x y z
N ALA A 26 -4.39 40.40 26.00
CA ALA A 26 -3.12 40.16 25.33
C ALA A 26 -3.34 39.82 23.85
N PRO A 27 -2.76 40.62 22.96
CA PRO A 27 -2.92 40.36 21.53
C PRO A 27 -2.11 39.15 21.08
N GLY A 28 -2.72 38.32 20.25
CA GLY A 28 -2.08 37.12 19.75
C GLY A 28 -1.47 37.29 18.37
N LYS A 29 -0.14 37.28 18.29
CA LYS A 29 0.58 37.41 17.02
C LYS A 29 0.81 36.02 16.44
N GLY A 30 -0.02 35.65 15.47
CA GLY A 30 0.07 34.34 14.86
C GLY A 30 1.18 34.23 13.83
N PRO A 31 1.62 33.01 13.56
CA PRO A 31 2.65 32.79 12.55
C PRO A 31 2.06 32.79 11.14
N TRP A 32 2.94 32.96 10.15
CA TRP A 32 2.44 33.03 8.78
C TRP A 32 1.91 31.68 8.31
N GLN A 33 2.24 30.59 8.99
CA GLN A 33 1.78 29.27 8.56
C GLN A 33 0.26 29.15 8.69
N VAL A 34 -0.29 29.56 9.83
CA VAL A 34 -1.75 29.48 10.01
C VAL A 34 -2.46 30.38 9.01
N ALA A 35 -1.86 31.54 8.68
CA ALA A 35 -2.41 32.37 7.62
C ALA A 35 -2.38 31.64 6.29
N PHE A 36 -1.30 30.88 6.04
CA PHE A 36 -1.23 30.08 4.83
C PHE A 36 -2.29 28.98 4.84
N ILE A 37 -2.42 28.27 5.98
CA ILE A 37 -3.40 27.19 6.07
C ILE A 37 -4.82 27.74 5.95
N GLY A 38 -5.11 28.84 6.63
CA GLY A 38 -6.46 29.35 6.67
C GLY A 38 -6.98 29.79 5.32
N ILE A 39 -6.14 30.47 4.54
CA ILE A 39 -6.60 31.03 3.27
C ILE A 39 -6.77 29.93 2.23
N THR A 40 -5.81 29.01 2.13
CA THR A 40 -5.82 28.01 1.07
C THR A 40 -6.73 26.83 1.34
N THR A 41 -7.24 26.67 2.57
CA THR A 41 -8.01 25.47 2.89
C THR A 41 -9.34 25.45 2.12
N GLY A 42 -10.08 26.57 2.15
CA GLY A 42 -11.29 26.64 1.36
C GLY A 42 -11.04 26.41 -0.12
N LEU A 43 -9.89 26.89 -0.60
CA LEU A 43 -9.56 26.72 -2.01
C LEU A 43 -9.20 25.26 -2.31
N LEU A 44 -8.42 24.61 -1.43
CA LEU A 44 -8.10 23.21 -1.62
C LEU A 44 -9.30 22.31 -1.37
N SER A 45 -10.19 22.69 -0.45
CA SER A 45 -11.41 21.93 -0.23
C SER A 45 -12.24 21.85 -1.51
N LEU A 46 -12.38 22.98 -2.20
CA LEU A 46 -13.14 22.98 -3.45
C LEU A 46 -12.43 22.15 -4.52
N ALA A 47 -11.11 22.26 -4.61
CA ALA A 47 -10.36 21.44 -5.56
C ALA A 47 -10.46 19.97 -5.23
N THR A 48 -10.49 19.61 -3.95
CA THR A 48 -10.60 18.21 -3.56
C THR A 48 -11.95 17.63 -3.93
N VAL A 49 -13.04 18.36 -3.64
CA VAL A 49 -14.37 17.81 -3.86
C VAL A 49 -14.69 17.73 -5.36
N THR A 50 -14.34 18.77 -6.12
CA THR A 50 -14.63 18.77 -7.55
C THR A 50 -13.82 17.70 -8.27
N GLY A 51 -12.52 17.63 -7.98
CA GLY A 51 -11.68 16.61 -8.60
C GLY A 51 -12.12 15.20 -8.23
N ASN A 52 -12.56 15.00 -6.99
CA ASN A 52 -13.04 13.68 -6.62
C ASN A 52 -14.47 13.43 -7.04
N LEU A 53 -15.28 14.47 -7.26
CA LEU A 53 -16.57 14.21 -7.89
C LEU A 53 -16.40 13.81 -9.35
N LEU A 54 -15.34 14.28 -10.00
CA LEU A 54 -15.11 13.93 -11.40
C LEU A 54 -14.88 12.43 -11.56
N VAL A 55 -13.96 11.86 -10.78
CA VAL A 55 -13.70 10.43 -10.85
C VAL A 55 -14.97 9.63 -10.55
N LEU A 56 -15.77 10.11 -9.59
CA LEU A 56 -17.03 9.44 -9.28
C LEU A 56 -17.98 9.46 -10.48
N ILE A 57 -18.25 10.64 -11.02
CA ILE A 57 -19.24 10.75 -12.08
C ILE A 57 -18.70 10.20 -13.40
N SER A 58 -17.43 10.41 -13.68
CA SER A 58 -16.84 9.85 -14.89
C SER A 58 -16.81 8.33 -14.86
N PHE A 59 -16.80 7.74 -13.67
CA PHE A 59 -16.86 6.30 -13.56
C PHE A 59 -18.23 5.77 -13.94
N LYS A 60 -19.28 6.55 -13.67
CA LYS A 60 -20.64 6.15 -14.03
C LYS A 60 -20.95 6.47 -15.49
N VAL A 61 -20.45 7.60 -15.99
CA VAL A 61 -20.72 8.00 -17.36
C VAL A 61 -20.00 7.09 -18.34
N ASN A 62 -18.73 6.80 -18.09
CA ASN A 62 -17.90 6.02 -19.00
C ASN A 62 -17.83 4.58 -18.52
N THR A 63 -18.26 3.65 -19.37
CA THR A 63 -18.20 2.23 -19.03
C THR A 63 -16.81 1.64 -19.25
N GLU A 64 -15.94 2.32 -20.01
CA GLU A 64 -14.61 1.81 -20.25
C GLU A 64 -13.66 2.07 -19.08
N LEU A 65 -13.93 3.08 -18.24
CA LEU A 65 -13.17 3.28 -17.03
C LEU A 65 -13.42 2.21 -15.98
N LYS A 66 -14.31 1.25 -16.25
CA LYS A 66 -14.71 0.26 -15.26
C LYS A 66 -13.77 -0.95 -15.28
N THR A 67 -12.49 -0.68 -15.04
CA THR A 67 -11.49 -1.72 -14.90
C THR A 67 -11.17 -1.92 -13.43
N VAL A 68 -10.84 -3.16 -13.07
CA VAL A 68 -10.65 -3.52 -11.66
C VAL A 68 -9.67 -2.56 -10.98
N ASN A 69 -8.64 -2.12 -11.71
CA ASN A 69 -7.68 -1.17 -11.14
C ASN A 69 -8.38 0.12 -10.73
N ASN A 70 -9.32 0.60 -11.53
CA ASN A 70 -9.99 1.86 -11.24
C ASN A 70 -11.05 1.72 -10.15
N TYR A 71 -11.61 0.52 -9.95
CA TYR A 71 -12.55 0.31 -8.85
C TYR A 71 -11.91 0.63 -7.51
N PHE A 72 -10.64 0.24 -7.33
CA PHE A 72 -9.93 0.62 -6.12
C PHE A 72 -9.76 2.13 -6.03
N LEU A 73 -9.37 2.76 -7.13
CA LEU A 73 -9.27 4.21 -7.18
C LEU A 73 -10.58 4.89 -6.81
N LEU A 74 -11.70 4.24 -7.13
CA LEU A 74 -13.01 4.80 -6.77
C LEU A 74 -13.17 4.87 -5.25
N SER A 75 -12.63 3.88 -4.54
CA SER A 75 -12.75 3.87 -3.08
C SER A 75 -11.86 4.92 -2.44
N LEU A 76 -10.65 5.12 -2.99
CA LEU A 76 -9.81 6.22 -2.53
C LEU A 76 -10.51 7.56 -2.69
N ALA A 77 -11.18 7.75 -3.82
CA ALA A 77 -11.88 9.00 -4.08
C ALA A 77 -13.03 9.22 -3.11
N CYS A 78 -13.68 8.13 -2.66
CA CYS A 78 -14.72 8.27 -1.65
C CYS A 78 -14.14 8.74 -0.33
N ALA A 79 -12.96 8.22 0.05
CA ALA A 79 -12.29 8.71 1.26
C ALA A 79 -11.80 10.14 1.08
N ASP A 80 -11.23 10.45 -0.10
CA ASP A 80 -10.77 11.80 -0.36
C ASP A 80 -11.92 12.80 -0.37
N LEU A 81 -13.12 12.34 -0.72
CA LEU A 81 -14.27 13.25 -0.75
C LEU A 81 -14.72 13.60 0.65
N ILE A 82 -14.65 12.64 1.59
CA ILE A 82 -15.02 12.92 2.97
C ILE A 82 -14.02 13.87 3.61
N ILE A 83 -12.73 13.71 3.32
CA ILE A 83 -11.71 14.63 3.83
C ILE A 83 -11.95 16.04 3.30
N GLY A 84 -12.21 16.16 1.99
CA GLY A 84 -12.39 17.47 1.39
C GLY A 84 -13.68 18.16 1.78
N THR A 85 -14.68 17.41 2.23
CA THR A 85 -15.96 17.99 2.59
C THR A 85 -16.04 18.34 4.08
N PHE A 86 -15.58 17.45 4.95
CA PHE A 86 -15.73 17.62 6.38
C PHE A 86 -14.42 17.83 7.12
N SER A 87 -13.43 16.96 6.89
CA SER A 87 -12.21 16.98 7.71
C SER A 87 -11.43 18.27 7.52
N MET A 88 -11.20 18.66 6.27
CA MET A 88 -10.28 19.76 5.98
C MET A 88 -10.85 21.10 6.46
N ASN A 89 -12.14 21.34 6.24
CA ASN A 89 -12.73 22.63 6.60
C ASN A 89 -12.84 22.78 8.12
N LEU A 90 -13.30 21.74 8.81
CA LEU A 90 -13.49 21.85 10.25
C LEU A 90 -12.14 21.97 10.98
N TYR A 91 -11.11 21.31 10.46
CA TYR A 91 -9.76 21.48 10.99
C TYR A 91 -9.34 22.94 11.00
N THR A 92 -9.57 23.64 9.89
CA THR A 92 -9.10 25.02 9.78
C THR A 92 -9.93 25.98 10.61
N THR A 93 -11.23 25.76 10.73
CA THR A 93 -12.03 26.55 11.67
C THR A 93 -11.51 26.35 13.10
N TYR A 94 -11.28 25.10 13.48
CA TYR A 94 -10.75 24.80 14.80
C TYR A 94 -9.37 25.42 14.98
N LEU A 95 -8.50 25.27 13.98
CA LEU A 95 -7.18 25.90 14.02
C LEU A 95 -7.29 27.41 14.20
N LEU A 96 -8.14 28.06 13.39
CA LEU A 96 -8.17 29.52 13.40
C LEU A 96 -8.91 30.09 14.61
N MET A 97 -9.86 29.35 15.18
CA MET A 97 -10.52 29.82 16.38
C MET A 97 -9.80 29.44 17.67
N GLY A 98 -8.93 28.44 17.62
CA GLY A 98 -8.23 28.01 18.81
C GLY A 98 -9.05 27.18 19.78
N HIS A 99 -10.28 26.84 19.43
CA HIS A 99 -11.13 26.01 20.28
C HIS A 99 -12.27 25.47 19.43
N TRP A 100 -12.96 24.46 19.97
CA TRP A 100 -14.04 23.77 19.27
C TRP A 100 -15.37 24.33 19.76
N ALA A 101 -16.04 25.11 18.91
CA ALA A 101 -17.29 25.77 19.28
C ALA A 101 -18.51 25.10 18.66
N LEU A 102 -18.37 23.86 18.18
CA LEU A 102 -19.44 23.17 17.49
C LEU A 102 -20.11 22.09 18.34
N GLY A 103 -19.84 22.06 19.64
CA GLY A 103 -20.47 21.11 20.52
C GLY A 103 -19.71 19.79 20.62
N THR A 104 -20.17 18.96 21.56
CA THR A 104 -19.47 17.70 21.85
C THR A 104 -19.75 16.63 20.80
N LEU A 105 -20.93 16.66 20.17
CA LEU A 105 -21.24 15.61 19.20
C LEU A 105 -20.56 15.86 17.86
N ALA A 106 -20.47 17.12 17.44
CA ALA A 106 -19.77 17.44 16.20
C ALA A 106 -18.28 17.09 16.29
N CYS A 107 -17.70 17.21 17.48
CA CYS A 107 -16.32 16.80 17.68
C CYS A 107 -16.14 15.31 17.42
N ASP A 108 -17.01 14.49 18.02
CA ASP A 108 -16.89 13.05 17.88
C ASP A 108 -17.09 12.61 16.44
N LEU A 109 -18.00 13.27 15.72
CA LEU A 109 -18.23 12.90 14.32
C LEU A 109 -17.07 13.33 13.43
N TRP A 110 -16.53 14.53 13.65
CA TRP A 110 -15.37 14.98 12.89
C TRP A 110 -14.19 14.05 13.08
N LEU A 111 -13.92 13.64 14.32
CA LEU A 111 -12.81 12.72 14.58
C LEU A 111 -13.06 11.36 13.96
N ALA A 112 -14.29 10.85 14.06
CA ALA A 112 -14.61 9.56 13.48
C ALA A 112 -14.46 9.57 11.96
N LEU A 113 -15.11 10.53 11.31
CA LEU A 113 -15.05 10.61 9.85
C LEU A 113 -13.61 10.74 9.35
N ASP A 114 -12.79 11.50 10.07
CA ASP A 114 -11.42 11.72 9.64
C ASP A 114 -10.58 10.44 9.76
N TYR A 115 -10.69 9.75 10.90
CA TYR A 115 -9.87 8.56 11.14
C TYR A 115 -10.37 7.37 10.32
N VAL A 116 -11.69 7.21 10.18
CA VAL A 116 -12.21 6.11 9.38
C VAL A 116 -11.84 6.29 7.91
N ALA A 117 -11.99 7.51 7.38
CA ALA A 117 -11.60 7.76 6.00
C ALA A 117 -10.10 7.60 5.81
N SER A 118 -9.30 8.07 6.77
CA SER A 118 -7.86 7.93 6.66
C SER A 118 -7.45 6.46 6.75
N GLN A 119 -8.14 5.67 7.57
CA GLN A 119 -7.83 4.25 7.67
C GLN A 119 -8.27 3.51 6.41
N ALA A 120 -9.43 3.89 5.85
CA ALA A 120 -9.85 3.30 4.59
C ALA A 120 -8.85 3.58 3.49
N ARG A 121 -8.24 4.77 3.49
CA ARG A 121 -7.19 5.08 2.54
C ARG A 121 -6.05 4.06 2.59
N VAL A 122 -5.48 3.87 3.79
CA VAL A 122 -4.32 2.99 3.91
C VAL A 122 -4.74 1.54 3.69
N MET A 123 -5.93 1.16 4.16
CA MET A 123 -6.43 -0.18 3.90
C MET A 123 -6.59 -0.43 2.40
N ASN A 124 -7.06 0.58 1.67
CA ASN A 124 -7.15 0.44 0.21
C ASN A 124 -5.76 0.33 -0.41
N LEU A 125 -4.86 1.28 -0.07
CA LEU A 125 -3.50 1.24 -0.61
C LEU A 125 -2.83 -0.11 -0.36
N LEU A 126 -3.19 -0.78 0.72
CA LEU A 126 -2.74 -2.16 0.91
C LEU A 126 -3.32 -3.08 -0.16
N LEU A 127 -4.63 -2.96 -0.42
CA LEU A 127 -5.27 -3.81 -1.41
C LEU A 127 -4.66 -3.61 -2.79
N ILE A 128 -4.46 -2.35 -3.20
CA ILE A 128 -3.82 -2.08 -4.48
C ILE A 128 -2.44 -2.71 -4.54
N SER A 129 -1.67 -2.59 -3.46
CA SER A 129 -0.33 -3.17 -3.44
C SER A 129 -0.38 -4.69 -3.57
N PHE A 130 -1.20 -5.35 -2.75
CA PHE A 130 -1.31 -6.80 -2.84
C PHE A 130 -1.83 -7.25 -4.20
N ASP A 131 -2.79 -6.50 -4.78
CA ASP A 131 -3.35 -6.89 -6.07
C ASP A 131 -2.26 -6.96 -7.13
N ARG A 132 -1.40 -5.94 -7.20
CA ARG A 132 -0.26 -6.02 -8.10
C ARG A 132 0.66 -7.19 -7.74
N TYR A 133 0.85 -7.44 -6.44
CA TYR A 133 1.75 -8.51 -6.02
C TYR A 133 1.21 -9.88 -6.47
N PHE A 134 -0.07 -10.15 -6.22
CA PHE A 134 -0.62 -11.44 -6.61
C PHE A 134 -0.78 -11.54 -8.13
N SER A 135 -1.01 -10.41 -8.81
CA SER A 135 -1.12 -10.44 -10.26
C SER A 135 0.19 -10.82 -10.92
N VAL A 136 1.32 -10.46 -10.32
CA VAL A 136 2.62 -10.71 -10.93
C VAL A 136 3.20 -12.03 -10.47
N THR A 137 3.05 -12.38 -9.19
CA THR A 137 3.59 -13.65 -8.70
C THR A 137 2.70 -14.83 -9.02
N ARG A 138 1.41 -14.60 -9.28
CA ARG A 138 0.46 -15.65 -9.63
C ARG A 138 -0.27 -15.22 -10.90
N PRO A 139 0.44 -15.15 -12.03
CA PRO A 139 -0.18 -14.57 -13.24
C PRO A 139 -1.39 -15.34 -13.73
N LEU A 140 -1.31 -16.67 -13.72
CA LEU A 140 -2.40 -17.49 -14.22
C LEU A 140 -3.46 -17.77 -13.16
N SER A 141 -3.05 -17.90 -11.90
CA SER A 141 -3.99 -18.26 -10.84
C SER A 141 -4.79 -17.05 -10.37
N TYR A 142 -4.11 -15.96 -10.03
CA TYR A 142 -4.78 -14.82 -9.41
C TYR A 142 -5.69 -14.10 -10.40
N ARG A 143 -5.19 -13.83 -11.61
CA ARG A 143 -6.02 -13.15 -12.60
C ARG A 143 -7.20 -14.00 -13.04
N ALA A 144 -7.16 -15.32 -12.80
CA ALA A 144 -8.28 -16.17 -13.17
C ALA A 144 -9.53 -15.83 -12.36
N LYS A 145 -9.36 -15.29 -11.16
CA LYS A 145 -10.48 -14.95 -10.28
C LYS A 145 -10.51 -13.46 -9.95
N ARG A 146 -9.95 -12.63 -10.83
CA ARG A 146 -9.82 -11.19 -10.58
C ARG A 146 -10.97 -10.48 -11.29
N THR A 147 -12.15 -10.55 -10.68
CA THR A 147 -13.41 -10.09 -11.24
C THR A 147 -13.91 -8.84 -10.52
N PRO A 148 -14.67 -7.98 -11.21
CA PRO A 148 -15.20 -6.76 -10.54
C PRO A 148 -16.14 -7.06 -9.38
N ARG A 149 -16.50 -8.32 -9.14
CA ARG A 149 -17.35 -8.69 -8.02
C ARG A 149 -16.54 -8.93 -6.75
N ARG A 150 -15.45 -9.71 -6.87
CA ARG A 150 -14.62 -9.98 -5.70
C ARG A 150 -13.86 -8.73 -5.26
N ALA A 151 -13.54 -7.84 -6.21
CA ALA A 151 -12.92 -6.57 -5.83
C ALA A 151 -13.87 -5.70 -5.02
N ALA A 152 -15.18 -5.84 -5.25
CA ALA A 152 -16.15 -5.12 -4.43
C ALA A 152 -16.13 -5.63 -2.99
N LEU A 153 -16.05 -6.95 -2.81
CA LEU A 153 -15.94 -7.51 -1.47
C LEU A 153 -14.66 -7.04 -0.79
N MET A 154 -13.56 -6.95 -1.55
CA MET A 154 -12.31 -6.45 -0.99
C MET A 154 -12.45 -4.99 -0.56
N ILE A 155 -13.09 -4.16 -1.39
CA ILE A 155 -13.29 -2.77 -1.02
C ILE A 155 -14.31 -2.66 0.12
N GLY A 156 -15.35 -3.49 0.10
CA GLY A 156 -16.35 -3.45 1.15
C GLY A 156 -15.79 -3.82 2.51
N LEU A 157 -14.98 -4.89 2.55
CA LEU A 157 -14.39 -5.30 3.82
C LEU A 157 -13.36 -4.28 4.32
N ALA A 158 -12.63 -3.63 3.41
CA ALA A 158 -11.65 -2.63 3.83
C ALA A 158 -12.33 -1.46 4.51
N TRP A 159 -13.45 -0.98 3.95
CA TRP A 159 -14.22 0.06 4.60
C TRP A 159 -14.96 -0.42 5.83
N LEU A 160 -15.22 -1.73 5.95
CA LEU A 160 -15.91 -2.24 7.13
C LEU A 160 -14.98 -2.30 8.33
N VAL A 161 -13.77 -2.85 8.15
CA VAL A 161 -12.83 -2.93 9.26
C VAL A 161 -12.40 -1.53 9.70
N SER A 162 -12.26 -0.61 8.75
CA SER A 162 -11.92 0.77 9.09
C SER A 162 -13.00 1.37 9.99
N PHE A 163 -14.26 1.05 9.72
CA PHE A 163 -15.35 1.56 10.55
C PHE A 163 -15.33 0.93 11.94
N VAL A 164 -15.23 -0.40 12.00
CA VAL A 164 -15.34 -1.11 13.28
C VAL A 164 -14.19 -0.75 14.21
N LEU A 165 -12.99 -0.49 13.66
CA LEU A 165 -11.86 -0.14 14.50
C LEU A 165 -12.07 1.19 15.21
N TRP A 166 -12.41 2.23 14.46
CA TRP A 166 -12.37 3.60 14.98
C TRP A 166 -13.73 4.14 15.39
N ALA A 167 -14.78 3.89 14.60
CA ALA A 167 -16.06 4.57 14.83
C ALA A 167 -16.67 4.26 16.18
N PRO A 168 -16.91 2.99 16.56
CA PRO A 168 -17.51 2.75 17.88
C PRO A 168 -16.62 3.17 19.03
N ALA A 169 -15.30 3.17 18.83
CA ALA A 169 -14.40 3.57 19.90
C ALA A 169 -14.41 5.07 20.12
N ILE A 170 -14.31 5.86 19.04
CA ILE A 170 -14.28 7.31 19.19
C ILE A 170 -15.63 7.83 19.71
N LEU A 171 -16.73 7.23 19.26
CA LEU A 171 -18.05 7.71 19.67
C LEU A 171 -18.45 7.23 21.06
N PHE A 172 -17.99 6.06 21.50
CA PHE A 172 -18.54 5.44 22.69
C PHE A 172 -17.51 5.14 23.77
N TRP A 173 -16.24 5.54 23.59
CA TRP A 173 -15.26 5.34 24.66
C TRP A 173 -15.61 6.13 25.90
N GLN A 174 -16.08 7.37 25.71
CA GLN A 174 -16.53 8.19 26.83
C GLN A 174 -17.64 7.49 27.61
N TYR A 175 -18.47 6.70 26.94
CA TYR A 175 -19.50 5.93 27.61
C TYR A 175 -18.96 4.65 28.23
N LEU A 176 -17.83 4.13 27.71
CA LEU A 176 -17.25 2.91 28.26
C LEU A 176 -16.58 3.18 29.60
N VAL A 177 -15.70 4.20 29.66
CA VAL A 177 -15.03 4.54 30.90
C VAL A 177 -15.92 5.32 31.86
N GLY A 178 -17.09 5.78 31.39
CA GLY A 178 -18.03 6.48 32.25
C GLY A 178 -17.77 7.97 32.41
N GLU A 179 -16.83 8.53 31.66
CA GLU A 179 -16.50 9.94 31.81
C GLU A 179 -15.92 10.46 30.50
N ARG A 180 -16.05 11.76 30.29
CA ARG A 180 -15.50 12.46 29.13
C ARG A 180 -14.37 13.35 29.63
N THR A 181 -13.13 12.90 29.44
CA THR A 181 -11.97 13.61 29.98
C THR A 181 -11.37 14.60 28.98
N VAL A 182 -11.88 14.66 27.75
CA VAL A 182 -11.36 15.60 26.78
C VAL A 182 -11.64 17.02 27.25
N LEU A 183 -10.66 17.89 27.08
CA LEU A 183 -10.75 19.26 27.58
C LEU A 183 -11.96 19.98 26.96
N ALA A 184 -12.63 20.79 27.79
CA ALA A 184 -13.96 21.29 27.44
C ALA A 184 -13.95 22.09 26.15
N GLY A 185 -12.93 22.91 25.93
CA GLY A 185 -12.90 23.73 24.74
C GLY A 185 -12.10 23.15 23.59
N GLN A 186 -11.79 21.86 23.64
CA GLN A 186 -10.89 21.24 22.67
C GLN A 186 -11.56 20.02 22.06
N CYS A 187 -10.88 19.41 21.10
CA CYS A 187 -11.45 18.29 20.34
C CYS A 187 -10.33 17.32 19.98
N TYR A 188 -10.37 16.12 20.54
CA TYR A 188 -9.41 15.08 20.24
C TYR A 188 -9.94 13.74 20.76
N ILE A 189 -9.29 12.66 20.33
CA ILE A 189 -9.72 11.32 20.74
C ILE A 189 -9.34 11.09 22.19
N GLN A 190 -10.32 10.68 22.99
CA GLN A 190 -10.13 10.58 24.44
C GLN A 190 -9.17 9.46 24.80
N PHE A 191 -9.25 8.32 24.11
CA PHE A 191 -8.41 7.17 24.43
C PHE A 191 -7.04 7.21 23.74
N LEU A 192 -6.71 8.29 23.05
CA LEU A 192 -5.34 8.59 22.65
C LEU A 192 -4.74 9.72 23.46
N SER A 193 -5.36 10.09 24.58
CA SER A 193 -4.88 11.19 25.41
C SER A 193 -3.75 10.74 26.32
N GLN A 194 -2.73 10.11 25.74
CA GLN A 194 -1.54 9.69 26.43
C GLN A 194 -0.45 9.62 25.37
N PRO A 195 0.74 10.17 25.64
CA PRO A 195 1.74 10.30 24.57
C PRO A 195 2.22 8.96 24.01
N ILE A 196 2.35 7.93 24.83
CA ILE A 196 2.86 6.65 24.32
C ILE A 196 1.85 6.02 23.37
N ILE A 197 0.56 6.27 23.58
CA ILE A 197 -0.45 5.68 22.71
C ILE A 197 -0.38 6.28 21.31
N THR A 198 -0.14 7.59 21.23
CA THR A 198 0.00 8.22 19.92
C THR A 198 1.22 7.70 19.17
N PHE A 199 2.27 7.31 19.90
CA PHE A 199 3.41 6.64 19.27
C PHE A 199 2.99 5.29 18.68
N GLY A 200 2.26 4.49 19.46
CA GLY A 200 1.86 3.17 18.98
C GLY A 200 0.95 3.23 17.77
N THR A 201 0.03 4.20 17.75
CA THR A 201 -0.87 4.34 16.61
C THR A 201 -0.10 4.70 15.34
N ALA A 202 0.88 5.59 15.46
CA ALA A 202 1.72 5.91 14.31
C ALA A 202 2.45 4.67 13.80
N MET A 203 2.98 3.85 14.71
CA MET A 203 3.67 2.63 14.30
C MET A 203 2.71 1.64 13.66
N ALA A 204 1.53 1.44 14.26
CA ALA A 204 0.62 0.40 13.81
C ALA A 204 -0.20 0.85 12.60
N ALA A 205 -0.68 2.09 12.59
CA ALA A 205 -1.56 2.55 11.53
C ALA A 205 -0.82 3.13 10.33
N PHE A 206 0.41 3.59 10.51
CA PHE A 206 1.19 4.13 9.41
C PHE A 206 2.45 3.34 9.12
N TYR A 207 3.33 3.16 10.12
CA TYR A 207 4.64 2.58 9.83
C TYR A 207 4.53 1.11 9.46
N LEU A 208 3.61 0.38 10.09
CA LEU A 208 3.41 -1.02 9.69
C LEU A 208 2.82 -1.13 8.29
N PRO A 209 1.76 -0.41 7.92
CA PRO A 209 1.28 -0.49 6.53
C PRO A 209 2.27 0.03 5.51
N VAL A 210 3.07 1.04 5.84
CA VAL A 210 4.03 1.57 4.87
C VAL A 210 5.14 0.56 4.60
N THR A 211 5.61 -0.13 5.64
CA THR A 211 6.69 -1.09 5.43
C THR A 211 6.24 -2.26 4.56
N VAL A 212 5.01 -2.75 4.78
CA VAL A 212 4.55 -3.88 3.97
C VAL A 212 4.29 -3.43 2.53
N MET A 213 3.88 -2.17 2.33
CA MET A 213 3.71 -1.67 0.97
C MET A 213 5.06 -1.48 0.28
N CYS A 214 6.07 -1.03 1.03
CA CYS A 214 7.40 -0.87 0.45
C CYS A 214 8.01 -2.22 0.09
N THR A 215 7.78 -3.23 0.93
CA THR A 215 8.30 -4.56 0.63
C THR A 215 7.54 -5.21 -0.53
N LEU A 216 6.22 -5.02 -0.58
CA LEU A 216 5.48 -5.47 -1.75
C LEU A 216 5.94 -4.73 -3.00
N TYR A 217 6.20 -3.42 -2.88
CA TYR A 217 6.66 -2.65 -4.04
C TYR A 217 8.04 -3.12 -4.47
N TRP A 218 8.89 -3.50 -3.52
CA TRP A 218 10.22 -4.00 -3.88
C TRP A 218 10.12 -5.36 -4.58
N ARG A 219 9.27 -6.25 -4.08
CA ARG A 219 9.13 -7.57 -4.68
C ARG A 219 8.51 -7.49 -6.07
N ILE A 220 7.56 -6.57 -6.27
CA ILE A 220 6.95 -6.40 -7.59
C ILE A 220 8.01 -6.05 -8.62
N TYR A 221 8.97 -5.19 -8.26
CA TYR A 221 10.03 -4.81 -9.19
C TYR A 221 10.82 -6.03 -9.66
N ARG A 222 11.12 -6.95 -8.74
CA ARG A 222 11.91 -8.13 -9.11
C ARG A 222 11.05 -9.22 -9.74
N GLU A 223 9.76 -9.28 -9.40
CA GLU A 223 8.92 -10.37 -9.88
C GLU A 223 8.37 -10.12 -11.28
N THR A 224 8.23 -8.86 -11.71
CA THR A 224 7.72 -8.59 -13.05
C THR A 224 8.66 -9.15 -14.12
N GLU A 225 9.95 -9.24 -13.84
CA GLU A 225 10.86 -9.94 -14.74
C GLU A 225 10.43 -11.40 -14.89
N ASN A 226 10.06 -12.05 -13.78
CA ASN A 226 9.63 -13.44 -13.84
C ASN A 226 8.26 -13.56 -14.50
N ARG A 227 7.39 -12.58 -14.29
CA ARG A 227 6.08 -12.58 -14.93
C ARG A 227 6.23 -12.57 -16.45
N ASN A 228 7.16 -11.77 -16.97
CA ASN A 228 7.36 -11.68 -18.40
C ASN A 228 7.91 -12.99 -18.97
N ILE A 229 8.81 -13.64 -18.23
CA ILE A 229 9.33 -14.93 -18.65
C ILE A 229 8.19 -15.95 -18.73
N PHE A 230 7.24 -15.87 -17.79
CA PHE A 230 6.08 -16.73 -17.83
C PHE A 230 5.33 -16.58 -19.16
N GLU A 231 4.97 -15.34 -19.51
CA GLU A 231 4.27 -15.11 -20.76
C GLU A 231 5.15 -15.43 -21.97
N MET A 232 6.46 -15.19 -21.86
CA MET A 232 7.36 -15.56 -22.94
C MET A 232 7.29 -17.06 -23.21
N LEU A 233 7.52 -17.87 -22.16
CA LEU A 233 7.49 -19.32 -22.33
C LEU A 233 6.09 -19.85 -22.55
N ARG A 234 5.05 -19.12 -22.11
CA ARG A 234 3.69 -19.60 -22.30
C ARG A 234 3.34 -19.73 -23.78
N ILE A 235 3.80 -18.77 -24.60
CA ILE A 235 3.47 -18.85 -26.01
C ILE A 235 4.45 -19.76 -26.75
N ASP A 236 5.67 -19.93 -26.24
CA ASP A 236 6.63 -20.85 -26.86
C ASP A 236 6.34 -22.28 -26.46
N GLU A 237 6.13 -22.54 -25.17
CA GLU A 237 5.97 -23.91 -24.67
C GLU A 237 4.52 -24.36 -24.61
N GLY A 238 3.56 -23.44 -24.77
CA GLY A 238 2.16 -23.78 -24.64
C GLY A 238 1.71 -23.86 -23.20
N LEU A 239 0.41 -24.04 -23.02
CA LEU A 239 -0.19 -24.19 -21.70
C LEU A 239 -1.36 -25.14 -21.79
N ARG A 240 -1.24 -26.30 -21.14
CA ARG A 240 -2.31 -27.29 -21.09
C ARG A 240 -2.34 -27.89 -19.70
N LEU A 241 -3.54 -27.99 -19.11
CA LEU A 241 -3.72 -28.55 -17.79
C LEU A 241 -3.89 -30.06 -17.80
N LYS A 242 -3.97 -30.68 -18.97
CA LYS A 242 -4.10 -32.12 -19.09
C LYS A 242 -2.88 -32.68 -19.84
N ILE A 243 -2.59 -33.96 -19.58
CA ILE A 243 -1.42 -34.58 -20.18
C ILE A 243 -1.58 -34.66 -21.69
N TYR A 244 -0.50 -34.38 -22.42
CA TYR A 244 -0.53 -34.45 -23.88
C TYR A 244 0.85 -34.87 -24.37
N LYS A 245 0.89 -35.42 -25.58
CA LYS A 245 2.15 -35.75 -26.22
C LYS A 245 2.71 -34.53 -26.93
N ASP A 246 4.02 -34.33 -26.79
CA ASP A 246 4.68 -33.14 -27.33
C ASP A 246 5.05 -33.38 -28.80
N THR A 247 5.86 -32.48 -29.36
CA THR A 247 6.26 -32.60 -30.76
C THR A 247 7.16 -33.80 -31.01
N GLU A 248 7.74 -34.39 -29.96
CA GLU A 248 8.56 -35.59 -30.09
C GLU A 248 7.85 -36.84 -29.62
N GLY A 249 6.58 -36.74 -29.22
CA GLY A 249 5.81 -37.88 -28.79
C GLY A 249 5.86 -38.20 -27.32
N TYR A 250 6.51 -37.37 -26.51
CA TYR A 250 6.65 -37.63 -25.09
C TYR A 250 5.55 -36.92 -24.31
N TYR A 251 5.08 -37.55 -23.24
CA TYR A 251 3.99 -36.99 -22.46
C TYR A 251 4.46 -35.75 -21.70
N THR A 252 3.64 -34.68 -21.77
CA THR A 252 4.00 -33.39 -21.23
C THR A 252 2.74 -32.74 -20.66
N ILE A 253 2.93 -31.89 -19.63
CA ILE A 253 1.83 -31.14 -19.04
C ILE A 253 2.35 -29.78 -18.60
N GLY A 254 1.47 -28.79 -18.60
CA GLY A 254 1.82 -27.45 -18.16
C GLY A 254 2.60 -26.67 -19.19
N ILE A 255 3.58 -25.88 -18.74
CA ILE A 255 4.42 -25.08 -19.63
C ILE A 255 5.68 -25.89 -19.88
N GLY A 256 5.63 -26.75 -20.90
CA GLY A 256 6.81 -27.50 -21.34
C GLY A 256 7.44 -28.37 -20.29
N HIS A 257 6.64 -28.93 -19.38
CA HIS A 257 7.16 -29.82 -18.33
C HIS A 257 7.01 -31.27 -18.79
N LEU A 258 8.13 -31.87 -19.19
CA LEU A 258 8.12 -33.27 -19.60
C LEU A 258 7.90 -34.16 -18.38
N LEU A 259 6.93 -35.06 -18.48
CA LEU A 259 6.62 -35.98 -17.39
C LEU A 259 7.46 -37.25 -17.46
N THR A 260 7.51 -37.89 -18.63
CA THR A 260 8.25 -39.14 -18.78
C THR A 260 8.51 -39.37 -20.25
N LYS A 261 9.54 -40.19 -20.52
CA LYS A 261 9.86 -40.64 -21.87
C LYS A 261 9.36 -42.04 -22.15
N SER A 262 8.70 -42.67 -21.18
CA SER A 262 8.16 -44.00 -21.38
C SER A 262 6.89 -43.93 -22.23
N PRO A 263 6.68 -44.92 -23.11
CA PRO A 263 5.50 -44.87 -23.98
C PRO A 263 4.19 -45.01 -23.22
N SER A 264 4.20 -45.64 -22.05
CA SER A 264 2.98 -45.81 -21.27
C SER A 264 2.66 -44.52 -20.52
N LEU A 265 1.41 -44.06 -20.65
CA LEU A 265 0.96 -42.89 -19.91
C LEU A 265 0.67 -43.20 -18.45
N ASN A 266 0.60 -44.47 -18.07
CA ASN A 266 0.45 -44.81 -16.67
C ASN A 266 1.66 -44.33 -15.86
N ALA A 267 2.85 -44.37 -16.46
CA ALA A 267 4.01 -43.77 -15.83
C ALA A 267 3.88 -42.25 -15.78
N ALA A 268 3.27 -41.66 -16.80
CA ALA A 268 3.08 -40.21 -16.81
C ALA A 268 2.15 -39.77 -15.68
N LYS A 269 1.08 -40.53 -15.44
CA LYS A 269 0.18 -40.21 -14.33
C LYS A 269 0.88 -40.35 -12.99
N SER A 270 1.71 -41.38 -12.84
CA SER A 270 2.42 -41.57 -11.58
C SER A 270 3.47 -40.48 -11.37
N GLU A 271 4.18 -40.11 -12.43
CA GLU A 271 5.15 -39.02 -12.33
C GLU A 271 4.47 -37.71 -11.98
N LEU A 272 3.28 -37.47 -12.51
CA LEU A 272 2.51 -36.29 -12.13
C LEU A 272 2.07 -36.36 -10.68
N ASP A 273 1.75 -37.56 -10.19
CA ASP A 273 1.41 -37.72 -8.78
C ASP A 273 2.63 -37.56 -7.88
N LYS A 274 3.84 -37.66 -8.44
CA LYS A 274 5.05 -37.48 -7.65
C LYS A 274 5.39 -36.00 -7.48
N ALA A 275 5.31 -35.23 -8.57
CA ALA A 275 5.57 -33.80 -8.47
C ALA A 275 4.42 -33.08 -7.77
N ILE A 276 3.19 -33.48 -8.04
CA ILE A 276 2.01 -32.95 -7.39
C ILE A 276 1.49 -34.03 -6.44
N GLY A 277 1.56 -33.76 -5.14
CA GLY A 277 1.13 -34.74 -4.16
C GLY A 277 -0.38 -34.87 -4.08
N ARG A 278 -0.97 -35.38 -5.16
CA ARG A 278 -2.43 -35.47 -5.28
C ARG A 278 -2.76 -36.51 -6.34
N ASN A 279 -3.90 -37.17 -6.17
CA ASN A 279 -4.41 -38.07 -7.20
C ASN A 279 -4.94 -37.25 -8.36
N THR A 280 -4.09 -36.99 -9.36
CA THR A 280 -4.43 -36.05 -10.42
C THR A 280 -5.35 -36.69 -11.46
N ASN A 281 -5.17 -37.99 -11.74
CA ASN A 281 -5.88 -38.68 -12.82
C ASN A 281 -5.68 -37.97 -14.15
N GLY A 282 -4.50 -37.38 -14.35
CA GLY A 282 -4.14 -36.77 -15.61
C GLY A 282 -4.41 -35.28 -15.74
N VAL A 283 -5.05 -34.66 -14.76
CA VAL A 283 -5.42 -33.25 -14.84
C VAL A 283 -4.87 -32.52 -13.61
N ILE A 284 -4.46 -31.27 -13.82
CA ILE A 284 -3.97 -30.41 -12.75
C ILE A 284 -4.78 -29.12 -12.76
N THR A 285 -4.67 -28.38 -11.67
CA THR A 285 -5.38 -27.12 -11.54
C THR A 285 -4.50 -25.96 -12.00
N LYS A 286 -5.08 -24.76 -12.01
CA LYS A 286 -4.32 -23.58 -12.41
C LYS A 286 -3.20 -23.27 -11.43
N ASP A 287 -3.47 -23.43 -10.13
CA ASP A 287 -2.42 -23.23 -9.13
C ASP A 287 -1.29 -24.23 -9.30
N GLU A 288 -1.62 -25.49 -9.61
CA GLU A 288 -0.61 -26.52 -9.74
C GLU A 288 0.27 -26.29 -10.96
N ALA A 289 -0.28 -25.71 -12.03
CA ALA A 289 0.52 -25.42 -13.21
C ALA A 289 1.60 -24.39 -12.91
N GLU A 290 1.25 -23.33 -12.16
CA GLU A 290 2.24 -22.31 -11.81
C GLU A 290 3.37 -22.88 -10.98
N LYS A 291 3.06 -23.79 -10.05
CA LYS A 291 4.09 -24.37 -9.21
C LYS A 291 5.10 -25.15 -10.04
N LEU A 292 4.64 -25.91 -11.03
CA LEU A 292 5.56 -26.62 -11.91
C LEU A 292 6.40 -25.67 -12.74
N PHE A 293 5.82 -24.55 -13.18
CA PHE A 293 6.59 -23.59 -13.96
C PHE A 293 7.68 -22.94 -13.12
N ASN A 294 7.38 -22.58 -11.87
CA ASN A 294 8.39 -21.96 -11.02
C ASN A 294 9.53 -22.94 -10.72
N GLN A 295 9.21 -24.22 -10.54
CA GLN A 295 10.25 -25.22 -10.32
C GLN A 295 11.14 -25.37 -11.54
N ASP A 296 10.56 -25.31 -12.73
CA ASP A 296 11.34 -25.51 -13.95
C ASP A 296 12.18 -24.29 -14.31
N VAL A 297 11.65 -23.08 -14.08
CA VAL A 297 12.42 -21.89 -14.42
C VAL A 297 13.50 -21.63 -13.38
N ASP A 298 13.26 -22.01 -12.12
CA ASP A 298 14.33 -21.91 -11.13
C ASP A 298 15.43 -22.94 -11.39
N ALA A 299 15.05 -24.13 -11.83
CA ALA A 299 16.04 -25.11 -12.26
C ALA A 299 16.81 -24.62 -13.49
N ALA A 300 16.16 -23.85 -14.36
CA ALA A 300 16.83 -23.35 -15.55
C ALA A 300 17.87 -22.30 -15.18
N VAL A 301 17.48 -21.30 -14.38
CA VAL A 301 18.42 -20.26 -13.99
C VAL A 301 19.50 -20.83 -13.09
N ARG A 302 19.19 -21.86 -12.31
CA ARG A 302 20.21 -22.51 -11.50
C ARG A 302 21.18 -23.31 -12.36
N GLY A 303 20.71 -23.87 -13.47
CA GLY A 303 21.62 -24.48 -14.42
C GLY A 303 22.53 -23.47 -15.10
N ILE A 304 22.03 -22.25 -15.31
CA ILE A 304 22.86 -21.20 -15.88
C ILE A 304 23.99 -20.82 -14.91
N LEU A 305 23.68 -20.75 -13.61
CA LEU A 305 24.63 -20.22 -12.66
C LEU A 305 25.77 -21.20 -12.38
N ARG A 306 25.50 -22.51 -12.46
CA ARG A 306 26.57 -23.49 -12.21
C ARG A 306 27.52 -23.64 -13.39
N ASN A 307 27.20 -23.07 -14.54
CA ASN A 307 28.01 -23.22 -15.75
C ASN A 307 29.01 -22.08 -15.85
N ALA A 308 30.29 -22.44 -16.04
CA ALA A 308 31.34 -21.42 -16.10
C ALA A 308 31.25 -20.60 -17.37
N LYS A 309 30.75 -21.17 -18.47
CA LYS A 309 30.61 -20.42 -19.71
C LYS A 309 29.41 -19.49 -19.68
N LEU A 310 28.36 -19.86 -18.97
CA LEU A 310 27.15 -19.05 -18.90
C LEU A 310 27.12 -18.09 -17.73
N LYS A 311 28.02 -18.26 -16.76
CA LYS A 311 28.06 -17.36 -15.61
C LYS A 311 28.34 -15.92 -16.00
N PRO A 312 29.38 -15.60 -16.78
CA PRO A 312 29.63 -14.18 -17.08
C PRO A 312 28.55 -13.55 -17.96
N VAL A 313 28.03 -14.29 -18.95
CA VAL A 313 27.10 -13.69 -19.90
C VAL A 313 25.77 -13.36 -19.23
N TYR A 314 25.28 -14.25 -18.35
CA TYR A 314 24.02 -13.98 -17.67
C TYR A 314 24.12 -12.76 -16.77
N ASP A 315 25.21 -12.65 -16.01
CA ASP A 315 25.38 -11.51 -15.11
C ASP A 315 25.47 -10.20 -15.90
N SER A 316 26.10 -10.23 -17.07
CA SER A 316 26.32 -9.02 -17.83
C SER A 316 25.06 -8.52 -18.53
N LEU A 317 24.16 -9.42 -18.90
CA LEU A 317 22.99 -9.03 -19.67
C LEU A 317 21.93 -8.36 -18.77
N ASP A 318 20.97 -7.70 -19.42
CA ASP A 318 19.87 -7.07 -18.73
C ASP A 318 18.71 -8.05 -18.56
N ALA A 319 17.61 -7.57 -17.98
CA ALA A 319 16.50 -8.45 -17.62
C ALA A 319 15.85 -9.07 -18.85
N VAL A 320 15.72 -8.30 -19.93
CA VAL A 320 15.02 -8.81 -21.10
C VAL A 320 15.85 -9.86 -21.83
N ARG A 321 17.18 -9.68 -21.87
CA ARG A 321 18.03 -10.63 -22.57
C ARG A 321 18.35 -11.85 -21.71
N ARG A 322 18.40 -11.69 -20.39
CA ARG A 322 18.50 -12.86 -19.54
C ARG A 322 17.28 -13.76 -19.68
N ALA A 323 16.11 -13.17 -19.95
CA ALA A 323 14.92 -13.97 -20.19
C ALA A 323 15.04 -14.78 -21.47
N ALA A 324 15.63 -14.22 -22.52
CA ALA A 324 15.83 -14.97 -23.74
C ALA A 324 16.85 -16.09 -23.54
N LEU A 325 17.87 -15.83 -22.73
CA LEU A 325 18.82 -16.89 -22.40
C LEU A 325 18.16 -17.98 -21.56
N ILE A 326 17.31 -17.59 -20.60
CA ILE A 326 16.54 -18.56 -19.83
C ILE A 326 15.63 -19.36 -20.75
N ASN A 327 15.09 -18.72 -21.79
CA ASN A 327 14.25 -19.44 -22.75
C ASN A 327 15.03 -20.56 -23.44
N MET A 328 16.21 -20.24 -23.96
CA MET A 328 17.02 -21.25 -24.64
C MET A 328 17.39 -22.38 -23.68
N VAL A 329 17.79 -22.04 -22.46
CA VAL A 329 18.12 -23.07 -21.47
C VAL A 329 16.89 -23.89 -21.14
N PHE A 330 15.73 -23.23 -21.02
CA PHE A 330 14.48 -23.92 -20.77
C PHE A 330 14.19 -24.92 -21.89
N GLN A 331 14.49 -24.54 -23.12
CA GLN A 331 14.21 -25.38 -24.28
C GLN A 331 15.20 -26.54 -24.40
N MET A 332 16.50 -26.22 -24.45
CA MET A 332 17.52 -27.22 -24.74
C MET A 332 18.18 -27.77 -23.47
N GLY A 333 18.67 -26.89 -22.60
CA GLY A 333 19.42 -27.28 -21.43
C GLY A 333 20.69 -26.46 -21.28
N GLU A 334 21.27 -26.56 -20.10
CA GLU A 334 22.48 -25.79 -19.80
C GLU A 334 23.62 -26.14 -20.75
N THR A 335 23.87 -27.44 -20.94
CA THR A 335 24.99 -27.84 -21.79
C THR A 335 24.72 -27.61 -23.27
N GLY A 336 23.45 -27.50 -23.67
CA GLY A 336 23.15 -27.22 -25.06
C GLY A 336 23.48 -25.79 -25.46
N VAL A 337 23.10 -24.83 -24.62
CA VAL A 337 23.34 -23.43 -24.94
C VAL A 337 24.80 -23.02 -24.74
N ALA A 338 25.56 -23.78 -23.95
CA ALA A 338 26.95 -23.42 -23.70
C ALA A 338 27.85 -23.65 -24.91
N GLY A 339 27.40 -24.43 -25.89
CA GLY A 339 28.23 -24.71 -27.05
C GLY A 339 28.40 -23.54 -27.99
N PHE A 340 27.53 -22.54 -27.92
CA PHE A 340 27.58 -21.38 -28.83
C PHE A 340 28.63 -20.40 -28.31
N THR A 341 29.89 -20.82 -28.42
CA THR A 341 30.97 -20.07 -27.80
C THR A 341 31.13 -18.69 -28.44
N ASN A 342 31.12 -18.62 -29.77
CA ASN A 342 31.22 -17.33 -30.44
C ASN A 342 30.03 -16.44 -30.11
N SER A 343 28.82 -17.00 -30.11
CA SER A 343 27.64 -16.20 -29.80
C SER A 343 27.66 -15.70 -28.35
N LEU A 344 28.04 -16.56 -27.41
CA LEU A 344 28.16 -16.14 -26.02
C LEU A 344 29.26 -15.09 -25.87
N ARG A 345 30.40 -15.32 -26.50
CA ARG A 345 31.51 -14.35 -26.48
C ARG A 345 31.10 -13.01 -27.06
N MET A 346 30.08 -12.97 -27.90
CA MET A 346 29.57 -11.71 -28.45
C MET A 346 28.52 -11.07 -27.57
N LEU A 347 27.66 -11.87 -26.94
CA LEU A 347 26.64 -11.32 -26.04
C LEU A 347 27.29 -10.68 -24.81
N GLN A 348 28.31 -11.33 -24.25
CA GLN A 348 29.06 -10.72 -23.16
C GLN A 348 29.80 -9.47 -23.64
N GLN A 349 30.15 -9.42 -24.92
CA GLN A 349 30.87 -8.29 -25.50
C GLN A 349 29.91 -7.21 -26.02
N LYS A 350 28.60 -7.39 -25.82
CA LYS A 350 27.60 -6.39 -26.18
C LYS A 350 27.61 -6.11 -27.69
N ARG A 351 27.57 -7.18 -28.48
CA ARG A 351 27.56 -7.11 -29.94
C ARG A 351 26.32 -7.89 -30.40
N TRP A 352 25.17 -7.22 -30.44
CA TRP A 352 23.90 -7.93 -30.53
C TRP A 352 23.57 -8.30 -31.97
N ASP A 353 23.73 -7.36 -32.90
CA ASP A 353 23.45 -7.66 -34.30
C ASP A 353 24.39 -8.71 -34.85
N GLU A 354 25.65 -8.73 -34.39
CA GLU A 354 26.60 -9.71 -34.88
C GLU A 354 26.36 -11.09 -34.26
N ALA A 355 25.89 -11.15 -33.02
CA ALA A 355 25.54 -12.43 -32.41
C ALA A 355 24.22 -12.98 -32.94
N ALA A 356 23.36 -12.12 -33.50
CA ALA A 356 22.08 -12.59 -34.01
C ALA A 356 22.25 -13.45 -35.25
N VAL A 357 23.22 -13.12 -36.11
CA VAL A 357 23.42 -13.89 -37.33
C VAL A 357 24.13 -15.21 -37.07
N ASN A 358 24.87 -15.32 -35.97
CA ASN A 358 25.55 -16.58 -35.66
C ASN A 358 24.56 -17.63 -35.18
N LEU A 359 23.65 -17.26 -34.28
CA LEU A 359 22.66 -18.21 -33.79
C LEU A 359 21.69 -18.64 -34.88
N ALA A 360 21.56 -17.88 -35.96
CA ALA A 360 20.80 -18.34 -37.10
C ALA A 360 21.51 -19.48 -37.82
N LYS A 361 22.85 -19.53 -37.74
CA LYS A 361 23.61 -20.61 -38.33
C LYS A 361 23.44 -21.92 -37.58
N SER A 362 22.82 -21.90 -36.41
CA SER A 362 22.75 -23.07 -35.54
C SER A 362 21.76 -24.09 -36.06
N ARG A 363 21.97 -25.34 -35.63
CA ARG A 363 20.99 -26.39 -35.87
C ARG A 363 19.70 -26.12 -35.08
N TRP A 364 19.83 -25.45 -33.93
CA TRP A 364 18.66 -25.00 -33.18
C TRP A 364 17.78 -24.06 -34.01
N TYR A 365 18.39 -23.16 -34.76
CA TYR A 365 17.62 -22.23 -35.59
C TYR A 365 16.82 -22.99 -36.65
N ASN A 366 17.43 -23.98 -37.28
CA ASN A 366 16.80 -24.69 -38.38
C ASN A 366 15.71 -25.66 -37.93
N GLN A 367 15.70 -26.05 -36.65
CA GLN A 367 14.75 -27.06 -36.20
C GLN A 367 13.45 -26.44 -35.67
N THR A 368 13.55 -25.39 -34.86
CA THR A 368 12.31 -24.73 -34.44
C THR A 368 11.99 -23.57 -35.36
N PRO A 369 10.75 -23.48 -35.87
CA PRO A 369 10.47 -22.55 -36.97
C PRO A 369 10.57 -21.07 -36.60
N ASN A 370 9.83 -20.66 -35.56
CA ASN A 370 9.71 -19.25 -35.22
C ASN A 370 10.15 -18.92 -33.81
N ARG A 371 10.25 -19.90 -32.92
CA ARG A 371 10.73 -19.63 -31.57
C ARG A 371 12.16 -19.09 -31.61
N ALA A 372 13.01 -19.68 -32.45
CA ALA A 372 14.39 -19.20 -32.56
C ALA A 372 14.43 -17.75 -33.02
N LYS A 373 13.62 -17.39 -34.01
CA LYS A 373 13.64 -16.04 -34.54
C LYS A 373 13.12 -15.03 -33.51
N ARG A 374 12.13 -15.42 -32.71
CA ARG A 374 11.66 -14.54 -31.63
C ARG A 374 12.76 -14.34 -30.59
N VAL A 375 13.47 -15.40 -30.24
CA VAL A 375 14.56 -15.29 -29.28
C VAL A 375 15.70 -14.43 -29.84
N ILE A 376 15.95 -14.55 -31.15
CA ILE A 376 16.98 -13.74 -31.78
C ILE A 376 16.63 -12.26 -31.68
N THR A 377 15.43 -11.89 -32.14
CA THR A 377 15.01 -10.49 -32.06
C THR A 377 14.96 -9.97 -30.64
N THR A 378 14.82 -10.86 -29.65
CA THR A 378 14.83 -10.41 -28.26
C THR A 378 16.23 -9.99 -27.82
N PHE A 379 17.26 -10.69 -28.31
CA PHE A 379 18.63 -10.30 -27.98
C PHE A 379 19.03 -8.99 -28.67
N ARG A 380 18.74 -8.87 -29.96
CA ARG A 380 19.26 -7.73 -30.71
C ARG A 380 18.50 -6.45 -30.40
N THR A 381 17.18 -6.54 -30.20
CA THR A 381 16.39 -5.35 -29.91
C THR A 381 16.38 -4.99 -28.43
N GLY A 382 16.55 -5.98 -27.54
CA GLY A 382 16.48 -5.70 -26.12
C GLY A 382 15.11 -5.30 -25.64
N THR A 383 14.06 -5.63 -26.40
CA THR A 383 12.69 -5.34 -26.03
C THR A 383 11.88 -6.62 -26.09
N TRP A 384 10.62 -6.53 -25.67
CA TRP A 384 9.69 -7.65 -25.71
C TRP A 384 8.79 -7.61 -26.95
N ASP A 385 9.15 -6.80 -27.95
CA ASP A 385 8.25 -6.53 -29.07
C ASP A 385 7.87 -7.80 -29.82
N ALA A 386 8.76 -8.79 -29.87
CA ALA A 386 8.45 -10.04 -30.55
C ALA A 386 7.42 -10.88 -29.81
N TYR A 387 7.12 -10.56 -28.56
CA TYR A 387 6.18 -11.33 -27.75
C TYR A 387 4.95 -10.53 -27.36
N PHE A 388 5.11 -9.29 -26.91
CA PHE A 388 4.02 -8.44 -26.45
C PHE A 388 4.52 -7.01 -26.29
N SER A 389 3.59 -6.08 -26.09
CA SER A 389 3.93 -4.67 -26.13
C SER A 389 4.33 -4.09 -24.78
N LEU A 390 3.62 -4.47 -23.72
CA LEU A 390 3.86 -3.92 -22.37
C LEU A 390 3.82 -2.39 -22.37
N VAL A 391 2.81 -1.82 -23.03
CA VAL A 391 2.60 -0.38 -22.97
C VAL A 391 1.43 -0.08 -22.05
N LYS A 392 0.48 -1.02 -21.96
CA LYS A 392 -0.62 -0.87 -21.03
C LYS A 392 -0.18 -1.10 -19.59
N GLU A 393 0.77 -2.02 -19.38
CA GLU A 393 1.16 -2.42 -18.04
C GLU A 393 2.20 -1.51 -17.42
N LYS A 394 3.11 -0.94 -18.24
CA LYS A 394 3.97 0.12 -17.73
C LYS A 394 3.15 1.33 -17.32
N LYS A 395 2.03 1.59 -18.01
CA LYS A 395 1.16 2.70 -17.66
C LYS A 395 0.52 2.47 -16.30
N ALA A 396 -0.03 1.27 -16.08
CA ALA A 396 -0.66 0.96 -14.79
C ALA A 396 0.36 0.92 -13.67
N ALA A 397 1.58 0.46 -13.95
CA ALA A 397 2.63 0.46 -12.93
C ALA A 397 3.01 1.88 -12.53
N ARG A 398 3.02 2.80 -13.49
CA ARG A 398 3.30 4.20 -13.18
C ARG A 398 2.15 4.82 -12.39
N THR A 399 0.91 4.41 -12.67
CA THR A 399 -0.22 4.88 -11.87
C THR A 399 -0.08 4.41 -10.42
N LEU A 400 0.36 3.17 -10.21
CA LEU A 400 0.63 2.68 -8.87
C LEU A 400 1.73 3.49 -8.18
N SER A 401 2.85 3.67 -8.87
CA SER A 401 3.98 4.36 -8.26
C SER A 401 3.63 5.79 -7.87
N ALA A 402 2.71 6.42 -8.61
CA ALA A 402 2.34 7.81 -8.32
C ALA A 402 1.50 7.92 -7.06
N ILE A 403 0.51 7.05 -6.89
CA ILE A 403 -0.39 7.18 -5.75
C ILE A 403 0.31 6.79 -4.45
N LEU A 404 1.27 5.86 -4.51
CA LEU A 404 2.04 5.52 -3.31
C LEU A 404 3.00 6.64 -2.95
N LEU A 405 3.70 7.20 -3.94
CA LEU A 405 4.67 8.23 -3.66
C LEU A 405 4.00 9.53 -3.19
N ALA A 406 2.82 9.82 -3.72
CA ALA A 406 2.07 10.98 -3.22
C ALA A 406 1.59 10.76 -1.80
N PHE A 407 1.34 9.50 -1.42
CA PHE A 407 0.99 9.18 -0.05
C PHE A 407 2.18 9.34 0.89
N ILE A 408 3.37 8.94 0.44
CA ILE A 408 4.55 9.00 1.29
C ILE A 408 4.96 10.44 1.55
N LEU A 409 4.94 11.28 0.51
CA LEU A 409 5.46 12.63 0.64
C LEU A 409 4.55 13.55 1.46
N THR A 410 3.32 13.17 1.72
CA THR A 410 2.38 14.02 2.45
C THR A 410 1.99 13.46 3.81
N TRP A 411 2.48 12.27 4.18
CA TRP A 411 2.12 11.61 5.42
C TRP A 411 3.30 11.31 6.32
N THR A 412 4.50 11.09 5.77
CA THR A 412 5.68 10.85 6.59
C THR A 412 6.11 12.08 7.38
N PRO A 413 6.00 13.33 6.86
CA PRO A 413 6.34 14.50 7.69
C PRO A 413 5.65 14.51 9.05
N TYR A 414 4.32 14.43 9.05
CA TYR A 414 3.60 14.35 10.32
C TYR A 414 4.05 13.15 11.14
N ASN A 415 4.33 12.03 10.47
CA ASN A 415 4.68 10.81 11.18
C ASN A 415 6.12 10.80 11.68
N ILE A 416 7.05 11.46 10.98
CA ILE A 416 8.38 11.62 11.56
C ILE A 416 8.36 12.66 12.68
N MET A 417 7.34 13.50 12.73
CA MET A 417 7.20 14.45 13.84
C MET A 417 6.64 13.78 15.08
N VAL A 418 5.58 12.97 14.92
CA VAL A 418 5.05 12.25 16.07
C VAL A 418 6.08 11.25 16.58
N LEU A 419 6.97 10.79 15.71
CA LEU A 419 8.06 9.92 16.15
C LEU A 419 9.02 10.67 17.07
N VAL A 420 9.59 11.78 16.57
CA VAL A 420 10.56 12.52 17.38
C VAL A 420 9.88 13.19 18.56
N SER A 421 8.59 13.50 18.46
CA SER A 421 7.87 14.08 19.59
C SER A 421 7.77 13.11 20.75
N THR A 422 7.76 11.80 20.47
CA THR A 422 7.65 10.81 21.53
C THR A 422 8.94 10.71 22.33
N PHE A 423 10.09 10.85 21.66
CA PHE A 423 11.39 10.75 22.32
C PHE A 423 11.89 12.11 22.78
N CYS A 424 12.06 13.03 21.84
CA CYS A 424 12.45 14.40 22.19
C CYS A 424 11.30 15.11 22.90
N LYS A 425 11.63 15.80 23.99
CA LYS A 425 10.62 16.44 24.82
C LYS A 425 9.83 17.48 24.03
N ASP A 426 10.50 18.55 23.61
CA ASP A 426 9.85 19.61 22.84
C ASP A 426 10.92 20.25 21.94
N CYS A 427 11.05 19.71 20.73
CA CYS A 427 11.97 20.26 19.74
C CYS A 427 11.39 20.29 18.34
N VAL A 428 10.13 19.87 18.15
CA VAL A 428 9.41 20.07 16.89
C VAL A 428 8.44 21.23 17.09
N PRO A 429 8.58 22.33 16.34
CA PRO A 429 7.75 23.51 16.61
C PRO A 429 6.27 23.24 16.37
N GLU A 430 5.45 24.14 16.93
CA GLU A 430 4.00 24.04 16.72
C GLU A 430 3.63 24.31 15.27
N THR A 431 4.35 25.21 14.59
CA THR A 431 4.05 25.51 13.19
C THR A 431 4.24 24.29 12.31
N LEU A 432 5.20 23.42 12.63
CA LEU A 432 5.45 22.24 11.81
C LEU A 432 4.37 21.18 12.02
N TRP A 433 3.90 21.02 13.26
CA TRP A 433 2.77 20.12 13.51
C TRP A 433 1.57 20.50 12.66
N GLU A 434 1.24 21.80 12.62
CA GLU A 434 0.08 22.23 11.86
C GLU A 434 0.27 22.01 10.37
N LEU A 435 1.48 22.21 9.87
CA LEU A 435 1.78 21.92 8.47
C LEU A 435 1.71 20.43 8.19
N GLY A 436 2.38 19.61 9.01
CA GLY A 436 2.39 18.17 8.77
C GLY A 436 1.01 17.56 8.87
N TYR A 437 0.24 17.94 9.90
CA TYR A 437 -1.14 17.49 10.00
C TYR A 437 -1.94 17.92 8.78
N TRP A 438 -1.72 19.15 8.33
CA TRP A 438 -2.41 19.69 7.16
C TRP A 438 -1.96 18.98 5.88
N LEU A 439 -0.66 18.69 5.76
CA LEU A 439 -0.15 18.11 4.52
C LEU A 439 -0.78 16.76 4.23
N CYS A 440 -1.18 16.02 5.26
CA CYS A 440 -1.91 14.77 5.05
C CYS A 440 -3.20 15.02 4.28
N TYR A 441 -3.85 16.16 4.50
CA TYR A 441 -5.06 16.49 3.77
C TYR A 441 -4.78 16.79 2.31
N VAL A 442 -3.59 17.33 2.00
CA VAL A 442 -3.23 17.67 0.63
C VAL A 442 -3.15 16.43 -0.26
N ASN A 443 -2.92 15.26 0.34
CA ASN A 443 -2.91 14.02 -0.44
C ASN A 443 -4.24 13.83 -1.16
N SER A 444 -5.35 14.08 -0.46
CA SER A 444 -6.67 13.93 -1.08
C SER A 444 -6.87 14.87 -2.26
N THR A 445 -6.17 16.01 -2.26
CA THR A 445 -6.35 16.98 -3.33
C THR A 445 -5.64 16.56 -4.61
N ILE A 446 -4.51 15.85 -4.50
CA ILE A 446 -3.68 15.55 -5.66
C ILE A 446 -3.90 14.15 -6.23
N ASN A 447 -4.66 13.29 -5.55
CA ASN A 447 -5.00 12.00 -6.15
C ASN A 447 -5.72 12.14 -7.48
N PRO A 448 -6.76 12.98 -7.63
CA PRO A 448 -7.33 13.16 -8.98
C PRO A 448 -6.32 13.70 -9.98
N MET A 449 -5.41 14.57 -9.53
CA MET A 449 -4.38 15.08 -10.43
C MET A 449 -3.48 13.96 -10.94
N CYS A 450 -3.11 13.03 -10.06
CA CYS A 450 -2.33 11.87 -10.50
C CYS A 450 -3.12 11.01 -11.48
N TYR A 451 -4.42 10.88 -11.26
CA TYR A 451 -5.25 10.04 -12.14
C TYR A 451 -5.26 10.60 -13.56
N ALA A 452 -5.52 11.91 -13.69
CA ALA A 452 -5.55 12.55 -15.00
C ALA A 452 -4.15 12.60 -15.63
N LEU A 453 -3.11 12.71 -14.81
CA LEU A 453 -1.74 12.70 -15.33
C LEU A 453 -1.30 11.30 -15.71
N CYS A 454 -1.67 10.29 -14.93
CA CYS A 454 -1.26 8.92 -15.22
C CYS A 454 -2.17 8.27 -16.25
N ASN A 455 -3.46 8.14 -15.93
CA ASN A 455 -4.41 7.49 -16.81
C ASN A 455 -4.95 8.51 -17.81
N LYS A 456 -4.68 8.28 -19.09
CA LYS A 456 -5.12 9.19 -20.13
C LYS A 456 -6.58 8.98 -20.52
N ALA A 457 -7.29 8.06 -19.85
CA ALA A 457 -8.72 7.92 -20.04
C ALA A 457 -9.51 8.78 -19.06
N PHE A 458 -9.04 8.91 -17.81
CA PHE A 458 -9.59 9.93 -16.92
C PHE A 458 -9.35 11.32 -17.48
N ARG A 459 -8.15 11.57 -18.01
CA ARG A 459 -7.80 12.88 -18.55
C ARG A 459 -8.80 13.33 -19.60
N ASP A 460 -9.14 12.44 -20.53
CA ASP A 460 -10.07 12.79 -21.60
C ASP A 460 -11.51 12.81 -21.11
N THR A 461 -11.87 11.93 -20.18
CA THR A 461 -13.25 11.93 -19.68
C THR A 461 -13.51 13.14 -18.80
N PHE A 462 -12.48 13.65 -18.12
CA PHE A 462 -12.65 14.88 -17.35
C PHE A 462 -12.88 16.07 -18.27
N ARG A 463 -12.27 16.07 -19.46
CA ARG A 463 -12.39 17.21 -20.35
C ARG A 463 -13.81 17.36 -20.91
N LEU A 464 -14.47 16.24 -21.19
CA LEU A 464 -15.84 16.30 -21.72
C LEU A 464 -16.87 16.58 -20.63
N LEU A 465 -16.56 16.27 -19.37
CA LEU A 465 -17.49 16.61 -18.29
C LEU A 465 -17.39 18.08 -17.92
N LEU A 466 -16.17 18.61 -17.83
CA LEU A 466 -16.00 20.02 -17.47
C LEU A 466 -16.46 20.96 -18.57
N LEU A 467 -16.27 20.56 -19.83
CA LEU A 467 -16.75 21.34 -20.97
C LEU A 467 -18.17 21.00 -21.36
N CYS A 468 -18.84 20.12 -20.60
CA CYS A 468 -20.23 19.71 -20.85
C CYS A 468 -20.37 19.12 -22.25
N ARG A 469 -19.64 18.03 -22.48
CA ARG A 469 -19.65 17.34 -23.77
C ARG A 469 -20.03 15.88 -23.63
N TRP A 470 -20.68 15.50 -22.52
CA TRP A 470 -21.07 14.11 -22.32
C TRP A 470 -22.38 13.81 -23.03
N GLY B 1 -12.11 16.12 53.37
CA GLY B 1 -12.76 15.73 54.61
C GLY B 1 -12.00 16.19 55.84
N PRO B 2 -12.61 16.05 57.02
CA PRO B 2 -11.94 16.46 58.25
C PRO B 2 -10.81 15.52 58.63
N GLY B 3 -9.56 15.94 58.40
CA GLY B 3 -8.43 15.06 58.66
C GLY B 3 -8.00 14.27 57.45
N SER B 4 -8.89 13.40 56.95
CA SER B 4 -8.60 12.58 55.79
C SER B 4 -9.10 13.26 54.52
N LEU B 5 -8.45 12.93 53.40
CA LEU B 5 -8.79 13.56 52.13
C LEU B 5 -8.48 12.56 51.02
N THR B 6 -9.51 12.18 50.26
CA THR B 6 -9.39 11.19 49.20
C THR B 6 -9.62 11.87 47.85
N CYS B 7 -8.66 11.71 46.94
CA CYS B 7 -8.76 12.29 45.61
C CYS B 7 -8.96 11.20 44.57
N VAL B 8 -9.56 11.58 43.44
CA VAL B 8 -9.61 10.70 42.29
C VAL B 8 -8.21 10.57 41.70
N LYS B 9 -7.81 9.34 41.38
CA LYS B 9 -6.47 9.05 40.87
C LYS B 9 -6.58 8.58 39.43
N SER B 10 -5.79 9.19 38.55
CA SER B 10 -5.87 8.89 37.12
C SER B 10 -4.55 9.26 36.46
N ASN B 11 -3.91 8.28 35.81
CA ASN B 11 -2.71 8.53 35.01
C ASN B 11 -2.81 7.86 33.63
N SER B 12 -3.95 7.26 33.30
CA SER B 12 -4.12 6.58 32.03
C SER B 12 -5.50 6.92 31.49
N ILE B 13 -5.89 6.25 30.40
CA ILE B 13 -7.16 6.47 29.74
C ILE B 13 -8.23 5.48 30.20
N TRP B 14 -7.94 4.68 31.22
CA TRP B 14 -8.83 3.63 31.68
C TRP B 14 -9.65 4.17 32.87
N PHE B 15 -10.39 3.28 33.53
CA PHE B 15 -11.22 3.68 34.66
C PHE B 15 -10.37 4.33 35.75
N PRO B 16 -10.86 5.38 36.39
CA PRO B 16 -10.10 6.01 37.47
C PRO B 16 -10.26 5.26 38.78
N THR B 17 -9.28 5.47 39.65
CA THR B 17 -9.30 4.94 41.02
C THR B 17 -9.29 6.10 42.01
N SER B 18 -9.18 5.77 43.29
CA SER B 18 -9.15 6.76 44.35
C SER B 18 -7.90 6.59 45.19
N GLU B 19 -7.27 7.71 45.56
CA GLU B 19 -6.05 7.72 46.35
C GLU B 19 -6.31 8.43 47.67
N ASP B 20 -5.84 7.84 48.77
CA ASP B 20 -5.84 8.52 50.05
C ASP B 20 -4.63 9.44 50.12
N CYS B 21 -4.87 10.72 50.35
CA CYS B 21 -3.77 11.69 50.35
C CYS B 21 -2.87 11.48 51.56
N PRO B 22 -1.55 11.47 51.37
CA PRO B 22 -0.64 11.45 52.52
C PRO B 22 -0.63 12.79 53.22
N ASP B 23 -0.06 12.80 54.42
CA ASP B 23 0.05 14.03 55.19
C ASP B 23 0.90 15.05 54.43
N GLY B 24 0.42 16.29 54.38
CA GLY B 24 1.09 17.37 53.69
C GLY B 24 0.52 17.70 52.34
N GLN B 25 -0.30 16.82 51.78
CA GLN B 25 -0.95 17.04 50.48
C GLN B 25 -2.44 17.20 50.73
N ASN B 26 -2.93 18.45 50.66
CA ASN B 26 -4.30 18.78 51.02
C ASN B 26 -5.09 19.29 49.83
N LEU B 27 -4.77 18.82 48.63
CA LEU B 27 -5.47 19.27 47.42
C LEU B 27 -5.67 18.11 46.46
N CYS B 28 -6.75 18.21 45.70
CA CYS B 28 -7.01 17.35 44.54
C CYS B 28 -6.80 18.20 43.29
N PHE B 29 -6.02 17.69 42.35
CA PHE B 29 -5.78 18.41 41.10
C PHE B 29 -6.34 17.63 39.93
N LYS B 30 -6.78 18.36 38.91
CA LYS B 30 -7.24 17.80 37.64
C LYS B 30 -6.49 18.57 36.55
N ARG B 31 -5.58 17.87 35.86
CA ARG B 31 -4.51 18.52 35.11
C ARG B 31 -4.50 18.05 33.67
N TRP B 32 -4.68 18.99 32.73
CA TRP B 32 -4.49 18.75 31.31
C TRP B 32 -3.16 19.37 30.89
N GLN B 33 -2.19 18.53 30.53
CA GLN B 33 -0.87 18.98 30.15
C GLN B 33 -0.75 19.06 28.64
N TYR B 34 -0.32 20.21 28.13
CA TYR B 34 -0.17 20.41 26.69
C TYR B 34 1.16 19.85 26.20
N ILE B 35 1.11 19.10 25.10
CA ILE B 35 2.31 18.59 24.45
C ILE B 35 2.36 19.14 23.03
N SER B 36 1.36 18.79 22.23
CA SER B 36 1.22 19.21 20.85
C SER B 36 -0.20 19.72 20.68
N PRO B 37 -0.51 20.43 19.54
CA PRO B 37 -1.78 21.17 19.44
C PRO B 37 -3.03 20.50 19.98
N ARG B 38 -3.39 19.32 19.46
CA ARG B 38 -4.58 18.61 19.91
C ARG B 38 -4.28 17.57 20.99
N MET B 39 -3.13 17.66 21.65
CA MET B 39 -2.66 16.64 22.57
C MET B 39 -2.63 17.20 23.98
N TYR B 40 -3.44 16.60 24.87
CA TYR B 40 -3.48 16.98 26.28
C TYR B 40 -3.39 15.71 27.12
N ASP B 41 -2.30 15.58 27.88
CA ASP B 41 -2.14 14.46 28.80
C ASP B 41 -2.96 14.73 30.05
N PHE B 42 -3.92 13.86 30.32
CA PHE B 42 -4.90 14.07 31.38
C PHE B 42 -4.50 13.26 32.62
N THR B 43 -4.26 13.95 33.74
CA THR B 43 -3.94 13.32 35.00
C THR B 43 -4.83 13.85 36.10
N ARG B 44 -5.10 12.99 37.08
CA ARG B 44 -5.82 13.37 38.29
C ARG B 44 -5.15 12.70 39.48
N GLY B 45 -5.12 13.40 40.60
CA GLY B 45 -4.53 12.83 41.80
C GLY B 45 -4.48 13.78 42.97
N CYS B 46 -3.47 13.58 43.82
CA CYS B 46 -3.29 14.38 45.02
C CYS B 46 -1.97 15.14 44.93
N ALA B 47 -1.89 16.27 45.62
CA ALA B 47 -0.69 17.09 45.58
C ALA B 47 -0.66 18.01 46.79
N ALA B 48 0.55 18.44 47.13
CA ALA B 48 0.72 19.42 48.21
C ALA B 48 0.48 20.83 47.70
N THR B 49 0.98 21.14 46.50
CA THR B 49 0.70 22.39 45.82
C THR B 49 0.23 22.10 44.40
N CYS B 50 -0.49 23.05 43.83
CA CYS B 50 -0.96 22.89 42.45
C CYS B 50 0.23 22.92 41.51
N PRO B 51 0.32 22.00 40.56
CA PRO B 51 1.43 22.02 39.61
C PRO B 51 1.47 23.33 38.83
N LYS B 52 2.69 23.70 38.41
CA LYS B 52 2.86 24.90 37.60
C LYS B 52 2.17 24.72 36.25
N ALA B 53 1.31 25.68 35.92
CA ALA B 53 0.56 25.65 34.66
C ALA B 53 1.41 26.30 33.57
N GLU B 54 1.82 25.51 32.59
CA GLU B 54 2.66 25.99 31.51
C GLU B 54 1.78 26.53 30.37
N TYR B 55 2.40 26.76 29.21
CA TYR B 55 1.67 27.26 28.06
C TYR B 55 0.58 26.28 27.63
N ARG B 56 -0.66 26.76 27.59
CA ARG B 56 -1.82 25.99 27.13
C ARG B 56 -2.12 24.80 28.05
N ASP B 57 -1.90 24.98 29.34
CA ASP B 57 -2.30 23.97 30.32
C ASP B 57 -3.53 24.46 31.09
N VAL B 58 -4.38 23.50 31.46
CA VAL B 58 -5.58 23.76 32.26
C VAL B 58 -5.51 22.89 33.50
N ILE B 59 -5.48 23.52 34.67
CA ILE B 59 -5.34 22.83 35.94
C ILE B 59 -6.42 23.34 36.89
N ASN B 60 -7.20 22.42 37.44
CA ASN B 60 -8.24 22.75 38.41
C ASN B 60 -7.87 22.17 39.76
N CYS B 61 -7.92 22.99 40.81
CA CYS B 61 -7.58 22.57 42.15
C CYS B 61 -8.76 22.81 43.10
N CYS B 62 -8.80 22.00 44.15
CA CYS B 62 -9.87 22.02 45.15
C CYS B 62 -9.47 21.13 46.31
N GLY B 63 -10.11 21.32 47.45
CA GLY B 63 -9.75 20.60 48.65
C GLY B 63 -10.88 19.78 49.26
N THR B 64 -11.75 19.25 48.41
CA THR B 64 -12.89 18.45 48.84
C THR B 64 -12.65 16.99 48.44
N ASP B 65 -13.29 16.08 49.17
CA ASP B 65 -13.20 14.65 48.83
C ASP B 65 -13.74 14.40 47.44
N LYS B 66 -12.86 13.92 46.54
CA LYS B 66 -13.23 13.55 45.17
C LYS B 66 -13.85 14.72 44.42
N CYS B 67 -13.25 15.91 44.56
CA CYS B 67 -13.70 17.09 43.84
C CYS B 67 -13.04 17.26 42.49
N ASN B 68 -12.02 16.47 42.18
CA ASN B 68 -11.35 16.52 40.89
C ASN B 68 -11.85 15.46 39.91
N LYS B 69 -13.07 14.95 40.11
CA LYS B 69 -13.66 13.99 39.19
C LYS B 69 -13.87 14.63 37.82
#